data_1PPI
#
_entry.id   1PPI
#
_cell.length_a   56.300
_cell.length_b   87.800
_cell.length_c   103.400
_cell.angle_alpha   90.00
_cell.angle_beta   90.00
_cell.angle_gamma   90.00
#
_symmetry.space_group_name_H-M   'P 21 21 21'
#
loop_
_entity.id
_entity.type
_entity.pdbx_description
1 polymer ALPHA-AMYLASE
2 branched alpha-D-glucopyranose-(1-4)-alpha-D-glucopyranose
3 branched 4,6-dideoxy-4-{[(1S,5R,6S)-3-formyl-5,6-dihydroxy-4-oxocyclohex-2-en-1-yl]amino}-alpha-D-xylo-hex-5-enopyranose-(1-4)-beta-D-glucopyranose
4 non-polymer 'CHLORIDE ION'
5 non-polymer 'CALCIUM ION'
6 water water
#
_entity_poly.entity_id   1
_entity_poly.type   'polypeptide(L)'
_entity_poly.pdbx_seq_one_letter_code
;QYAPQTQSGRTSIVHLFEWRWVDIALECERYLGPKGFGGVQVSPPNENVVVTNPSRPWWERYQPVSYKLCTRSGNENEFR
DMVTRCNNVGVRIYVDAVINHMCGSGAAAGTGTTCGSYCNPGSREFPAVPYSAWDFNDGKCKTASGGIESYNDPYQVRDC
QLVGLLDLALEKDYVRSMIADYLNKLIDIGVAGFRIDASKHMWPGDIKAVLDKLHNLNTNWFPAGSRPFIFQEVIDLGGE
AIKSSEYFGNGRVTEFKYGAKLGTVVRKWSGEKMSYLKNWGEGWGFMPSDRALVFVDNHDNQRGHGAGGSSILTFWDARL
YKVAVGFMLAHPYGFTRVMSSYRWARNFVNGEDVNDWIGPPNNNGVIKEVTINADTTCGNDWVCEHRWREIRNMVWFRNV
VDGEPFANWWDNGSNQVAFGRGNRGFIVFNNDDWQLSSTLQTGLPGGTYCDVISGDKVGNSCTGIKVYVSSDGTAQFSIS
NSAEDPFIAIHAESKL
;
_entity_poly.pdbx_strand_id   A
#
loop_
_chem_comp.id
_chem_comp.type
_chem_comp.name
_chem_comp.formula
BGC D-saccharide, beta linking beta-D-glucopyranose 'C6 H12 O6'
CA non-polymer 'CALCIUM ION' 'Ca 2'
CL non-polymer 'CHLORIDE ION' 'Cl -1'
DAF D-saccharide, alpha linking 4,6-dideoxy-4-{[(1S,5R,6S)-3-formyl-5,6-dihydroxy-4-oxocyclohex-2-en-1-yl]amino}-alpha-D-xylo-hex-5-enopyranose 'C13 H17 N O8'
GLC D-saccharide, alpha linking alpha-D-glucopyranose 'C6 H12 O6'
#
# COMPACT_ATOMS: atom_id res chain seq x y z
N GLN A 1 -8.30 -13.45 6.56
CA GLN A 1 -8.41 -13.16 5.15
C GLN A 1 -8.98 -11.78 4.90
N TYR A 2 -10.22 -11.36 5.22
CA TYR A 2 -10.66 -9.98 4.92
C TYR A 2 -10.67 -9.06 6.14
N ALA A 3 -10.55 -9.65 7.34
CA ALA A 3 -10.47 -8.87 8.58
C ALA A 3 -9.00 -8.46 8.70
N PRO A 4 -8.63 -7.16 8.77
CA PRO A 4 -7.26 -6.71 8.71
C PRO A 4 -6.42 -7.10 9.91
N GLN A 5 -7.06 -7.42 11.04
CA GLN A 5 -6.40 -7.77 12.29
C GLN A 5 -5.68 -6.61 12.98
N THR A 6 -6.08 -5.39 12.68
CA THR A 6 -5.47 -4.25 13.34
C THR A 6 -6.03 -4.16 14.76
N GLN A 7 -5.28 -3.47 15.62
CA GLN A 7 -5.68 -3.17 16.97
C GLN A 7 -6.98 -2.39 16.77
N SER A 8 -7.83 -2.44 17.79
CA SER A 8 -9.15 -1.89 17.67
C SER A 8 -9.10 -0.40 17.36
N GLY A 9 -9.73 -0.12 16.24
CA GLY A 9 -9.91 1.25 15.83
C GLY A 9 -8.68 1.86 15.17
N ARG A 10 -7.80 1.04 14.58
CA ARG A 10 -6.71 1.51 13.78
C ARG A 10 -7.14 1.12 12.35
N THR A 11 -7.18 2.01 11.33
CA THR A 11 -7.81 1.70 10.06
C THR A 11 -6.93 1.83 8.81
N SER A 12 -5.62 2.03 8.89
CA SER A 12 -4.81 2.16 7.69
C SER A 12 -3.51 1.41 7.86
N ILE A 13 -2.96 0.91 6.75
CA ILE A 13 -1.59 0.45 6.82
C ILE A 13 -0.68 1.36 6.02
N VAL A 14 0.64 1.36 6.26
CA VAL A 14 1.63 2.17 5.55
C VAL A 14 2.58 1.20 4.93
N HIS A 15 2.96 1.46 3.69
CA HIS A 15 3.98 0.68 3.03
C HIS A 15 5.30 1.39 3.32
N LEU A 16 6.23 0.83 4.09
CA LEU A 16 7.49 1.48 4.35
C LEU A 16 8.49 0.76 3.46
N PHE A 17 8.36 1.18 2.18
CA PHE A 17 9.09 0.68 1.00
C PHE A 17 10.60 0.82 1.17
N GLU A 18 11.21 -0.35 1.10
CA GLU A 18 12.64 -0.57 1.26
C GLU A 18 13.26 -0.18 2.60
N TRP A 19 12.48 0.04 3.66
CA TRP A 19 13.04 0.44 4.94
C TRP A 19 13.67 -0.76 5.62
N ARG A 20 14.76 -0.52 6.36
CA ARG A 20 15.43 -1.56 7.12
C ARG A 20 14.58 -1.97 8.33
N TRP A 21 14.75 -3.19 8.82
CA TRP A 21 13.97 -3.70 9.95
C TRP A 21 14.23 -2.85 11.21
N VAL A 22 15.45 -2.37 11.45
CA VAL A 22 15.69 -1.56 12.65
C VAL A 22 15.01 -0.21 12.60
N ASP A 23 14.88 0.34 11.40
CA ASP A 23 14.22 1.63 11.27
C ASP A 23 12.73 1.48 11.46
N ILE A 24 12.12 0.38 10.98
CA ILE A 24 10.69 0.17 11.12
C ILE A 24 10.44 -0.04 12.60
N ALA A 25 11.14 -0.86 13.38
CA ALA A 25 10.86 -1.00 14.83
C ALA A 25 10.93 0.35 15.56
N LEU A 26 11.95 1.19 15.28
CA LEU A 26 12.04 2.48 15.94
C LEU A 26 10.88 3.34 15.47
N GLU A 27 10.47 3.30 14.20
CA GLU A 27 9.30 4.05 13.77
C GLU A 27 8.02 3.59 14.44
N CYS A 28 7.81 2.29 14.66
CA CYS A 28 6.65 1.80 15.40
C CYS A 28 6.55 2.42 16.79
N GLU A 29 7.68 2.53 17.49
CA GLU A 29 7.65 3.03 18.85
C GLU A 29 7.58 4.52 18.97
N ARG A 30 8.36 5.27 18.19
CA ARG A 30 8.37 6.72 18.27
C ARG A 30 7.23 7.41 17.52
N TYR A 31 6.55 6.71 16.58
CA TYR A 31 5.61 7.38 15.72
C TYR A 31 4.38 6.60 15.35
N LEU A 32 4.48 5.45 14.70
CA LEU A 32 3.30 4.74 14.22
C LEU A 32 2.36 4.32 15.35
N GLY A 33 2.89 3.89 16.49
CA GLY A 33 2.03 3.47 17.59
C GLY A 33 1.28 4.66 18.17
N PRO A 34 2.01 5.65 18.69
CA PRO A 34 1.44 6.91 19.14
C PRO A 34 0.45 7.58 18.19
N LYS A 35 0.70 7.63 16.88
CA LYS A 35 -0.20 8.34 15.96
C LYS A 35 -1.34 7.50 15.41
N GLY A 36 -1.61 6.29 15.91
CA GLY A 36 -2.79 5.56 15.49
C GLY A 36 -2.68 4.83 14.16
N PHE A 37 -1.48 4.45 13.71
CA PHE A 37 -1.40 3.70 12.47
C PHE A 37 -1.69 2.24 12.78
N GLY A 38 -2.46 1.58 11.93
CA GLY A 38 -2.83 0.18 12.12
C GLY A 38 -1.69 -0.80 11.85
N GLY A 39 -0.90 -0.59 10.81
CA GLY A 39 0.17 -1.52 10.52
C GLY A 39 1.07 -1.08 9.38
N VAL A 40 2.02 -1.96 9.03
CA VAL A 40 3.08 -1.66 8.10
C VAL A 40 3.24 -2.82 7.12
N GLN A 41 3.18 -2.55 5.81
CA GLN A 41 3.52 -3.51 4.77
C GLN A 41 5.03 -3.36 4.54
N VAL A 42 5.84 -4.40 4.69
CA VAL A 42 7.30 -4.32 4.54
C VAL A 42 7.72 -4.89 3.20
N SER A 43 8.93 -4.62 2.77
CA SER A 43 9.45 -5.20 1.54
C SER A 43 9.69 -6.71 1.70
N PRO A 44 9.86 -7.53 0.65
CA PRO A 44 10.01 -8.99 0.76
C PRO A 44 11.11 -9.32 1.76
N PRO A 45 10.86 -10.05 2.84
CA PRO A 45 11.88 -10.41 3.81
C PRO A 45 12.87 -11.54 3.46
N ASN A 46 12.60 -12.27 2.38
CA ASN A 46 13.36 -13.44 2.02
C ASN A 46 14.46 -13.09 1.03
N GLU A 47 15.49 -13.94 1.00
CA GLU A 47 16.67 -13.77 0.13
C GLU A 47 16.37 -13.65 -1.35
N ASN A 48 17.12 -12.73 -1.94
CA ASN A 48 17.00 -12.43 -3.34
C ASN A 48 18.33 -12.40 -4.09
N VAL A 49 18.27 -12.50 -5.42
CA VAL A 49 19.48 -12.39 -6.24
C VAL A 49 20.01 -10.92 -6.18
N VAL A 50 21.33 -10.74 -6.23
CA VAL A 50 21.98 -9.42 -6.28
C VAL A 50 22.08 -9.05 -7.75
N VAL A 51 21.45 -7.95 -8.17
CA VAL A 51 21.47 -7.44 -9.53
C VAL A 51 22.48 -6.27 -9.57
N THR A 52 23.52 -6.43 -10.41
CA THR A 52 24.61 -5.48 -10.57
C THR A 52 24.47 -4.62 -11.80
N ASN A 53 23.71 -5.02 -12.81
CA ASN A 53 23.43 -4.13 -13.94
C ASN A 53 21.94 -4.01 -14.03
N PRO A 54 21.22 -2.94 -13.72
CA PRO A 54 21.76 -1.74 -13.11
C PRO A 54 22.18 -2.02 -11.69
N SER A 55 22.88 -1.11 -11.04
CA SER A 55 23.39 -1.35 -9.71
C SER A 55 22.32 -1.30 -8.64
N ARG A 56 22.01 -2.46 -8.08
CA ARG A 56 21.04 -2.70 -6.97
C ARG A 56 19.69 -1.98 -7.12
N PRO A 57 18.88 -2.36 -8.12
CA PRO A 57 17.56 -1.82 -8.32
C PRO A 57 16.62 -2.21 -7.18
N TRP A 58 15.56 -1.44 -6.98
CA TRP A 58 14.58 -1.81 -5.98
C TRP A 58 14.01 -3.17 -6.35
N TRP A 59 13.86 -3.47 -7.65
CA TRP A 59 13.19 -4.71 -8.06
C TRP A 59 14.00 -5.96 -7.97
N GLU A 60 15.27 -5.98 -7.56
CA GLU A 60 15.94 -7.26 -7.34
C GLU A 60 15.27 -8.05 -6.18
N ARG A 61 14.55 -7.34 -5.29
CA ARG A 61 13.88 -8.00 -4.19
C ARG A 61 12.67 -8.80 -4.69
N TYR A 62 12.31 -8.75 -5.98
CA TYR A 62 11.19 -9.53 -6.46
C TYR A 62 11.70 -10.76 -7.21
N GLN A 63 12.96 -11.12 -6.92
CA GLN A 63 13.60 -12.29 -7.47
C GLN A 63 14.13 -13.21 -6.37
N PRO A 64 13.27 -14.00 -5.72
CA PRO A 64 13.61 -14.97 -4.68
C PRO A 64 14.70 -15.96 -5.05
N VAL A 65 15.59 -16.35 -4.13
CA VAL A 65 16.50 -17.47 -4.38
C VAL A 65 16.37 -18.49 -3.22
N SER A 66 15.73 -18.13 -2.11
CA SER A 66 15.40 -19.02 -1.00
C SER A 66 14.40 -18.28 -0.13
N TYR A 67 14.05 -18.86 1.00
CA TYR A 67 13.11 -18.30 1.97
C TYR A 67 13.82 -17.95 3.28
N LYS A 68 15.16 -17.84 3.23
CA LYS A 68 15.95 -17.37 4.35
C LYS A 68 15.62 -15.90 4.58
N LEU A 69 15.43 -15.49 5.82
CA LEU A 69 15.11 -14.12 6.18
C LEU A 69 16.42 -13.36 6.24
N CYS A 70 16.89 -12.97 5.05
CA CYS A 70 18.22 -12.42 4.95
C CYS A 70 18.29 -11.49 3.73
N THR A 71 18.16 -10.17 3.95
CA THR A 71 18.02 -9.19 2.90
C THR A 71 18.78 -7.94 3.27
N ARG A 72 18.77 -6.93 2.38
CA ARG A 72 19.37 -5.65 2.67
C ARG A 72 18.63 -4.98 3.79
N SER A 73 17.36 -5.32 4.05
CA SER A 73 16.67 -4.70 5.16
C SER A 73 17.15 -5.27 6.51
N GLY A 74 17.68 -6.47 6.55
CA GLY A 74 18.19 -7.06 7.76
C GLY A 74 18.18 -8.58 7.69
N ASN A 75 18.57 -9.12 8.85
CA ASN A 75 18.68 -10.56 9.05
C ASN A 75 17.52 -11.06 9.87
N GLU A 76 17.43 -12.34 10.18
CA GLU A 76 16.29 -12.86 10.89
C GLU A 76 16.09 -12.27 12.27
N ASN A 77 17.18 -12.12 13.04
CA ASN A 77 17.05 -11.57 14.38
C ASN A 77 16.45 -10.15 14.40
N GLU A 78 16.89 -9.30 13.49
CA GLU A 78 16.38 -7.96 13.30
C GLU A 78 14.95 -8.01 12.84
N PHE A 79 14.54 -8.99 12.02
CA PHE A 79 13.16 -9.08 11.57
C PHE A 79 12.26 -9.44 12.77
N ARG A 80 12.63 -10.43 13.59
CA ARG A 80 11.84 -10.86 14.73
C ARG A 80 11.72 -9.77 15.80
N ASP A 81 12.82 -9.06 16.01
CA ASP A 81 12.84 -7.92 16.90
C ASP A 81 11.90 -6.81 16.38
N MET A 82 11.85 -6.51 15.06
CA MET A 82 10.92 -5.53 14.54
C MET A 82 9.50 -5.98 14.74
N VAL A 83 9.16 -7.24 14.41
CA VAL A 83 7.79 -7.73 14.57
C VAL A 83 7.35 -7.74 16.06
N THR A 84 8.21 -8.09 17.01
CA THR A 84 7.86 -8.02 18.43
C THR A 84 7.65 -6.56 18.85
N ARG A 85 8.59 -5.66 18.53
CA ARG A 85 8.52 -4.26 18.93
C ARG A 85 7.30 -3.57 18.35
N CYS A 86 6.98 -3.75 17.07
CA CYS A 86 5.76 -3.14 16.54
C CYS A 86 4.48 -3.71 17.13
N ASN A 87 4.37 -5.02 17.29
CA ASN A 87 3.19 -5.64 17.85
C ASN A 87 2.91 -5.20 19.26
N ASN A 88 3.98 -5.07 20.03
CA ASN A 88 3.89 -4.61 21.41
C ASN A 88 3.39 -3.17 21.54
N VAL A 89 3.52 -2.31 20.51
CA VAL A 89 2.90 -0.97 20.54
C VAL A 89 1.62 -0.90 19.70
N GLY A 90 1.07 -2.05 19.32
CA GLY A 90 -0.17 -2.15 18.58
C GLY A 90 -0.06 -1.89 17.08
N VAL A 91 1.08 -2.09 16.43
CA VAL A 91 1.19 -1.83 15.01
C VAL A 91 1.51 -3.20 14.40
N ARG A 92 0.71 -3.70 13.46
CA ARG A 92 0.87 -5.02 12.84
C ARG A 92 1.82 -4.96 11.64
N ILE A 93 2.37 -6.12 11.30
CA ILE A 93 3.30 -6.22 10.20
C ILE A 93 2.68 -7.15 9.14
N TYR A 94 2.70 -6.66 7.90
CA TYR A 94 2.16 -7.38 6.76
C TYR A 94 3.31 -7.67 5.83
N VAL A 95 3.52 -8.93 5.47
CA VAL A 95 4.63 -9.26 4.62
C VAL A 95 4.25 -9.35 3.16
N ASP A 96 5.11 -8.83 2.29
CA ASP A 96 4.99 -8.96 0.84
C ASP A 96 5.49 -10.36 0.52
N ALA A 97 4.57 -11.30 0.23
CA ALA A 97 4.91 -12.69 -0.07
C ALA A 97 5.14 -12.88 -1.56
N VAL A 98 6.37 -13.15 -1.97
CA VAL A 98 6.67 -13.30 -3.39
C VAL A 98 6.73 -14.80 -3.60
N ILE A 99 5.59 -15.36 -4.05
CA ILE A 99 5.43 -16.81 -4.10
C ILE A 99 5.06 -17.37 -5.47
N ASN A 100 4.95 -16.55 -6.53
CA ASN A 100 4.68 -17.06 -7.88
C ASN A 100 5.91 -17.58 -8.64
N HIS A 101 7.09 -17.19 -8.20
CA HIS A 101 8.25 -17.35 -9.02
C HIS A 101 9.51 -17.28 -8.18
N MET A 102 10.61 -17.68 -8.84
CA MET A 102 11.91 -17.51 -8.21
C MET A 102 12.61 -16.38 -8.98
N CYS A 103 13.92 -16.34 -9.20
CA CYS A 103 14.47 -15.23 -9.96
C CYS A 103 14.36 -15.44 -11.48
N GLY A 104 14.84 -14.43 -12.20
CA GLY A 104 14.87 -14.46 -13.65
C GLY A 104 15.80 -15.56 -14.12
N SER A 105 15.29 -16.24 -15.15
CA SER A 105 15.93 -17.40 -15.77
C SER A 105 17.26 -17.17 -16.49
N GLY A 106 17.60 -15.93 -16.81
CA GLY A 106 18.88 -15.62 -17.43
C GLY A 106 19.87 -15.07 -16.39
N ALA A 107 19.52 -15.06 -15.12
CA ALA A 107 20.46 -14.61 -14.11
C ALA A 107 21.61 -15.63 -14.02
N ALA A 108 22.80 -15.22 -13.61
CA ALA A 108 23.95 -16.09 -13.61
C ALA A 108 24.02 -17.04 -12.45
N ALA A 109 24.54 -18.25 -12.67
CA ALA A 109 24.68 -19.23 -11.61
C ALA A 109 25.67 -18.75 -10.56
N GLY A 110 25.58 -19.02 -9.26
CA GLY A 110 26.60 -18.60 -8.29
C GLY A 110 26.01 -18.22 -6.93
N THR A 111 26.79 -17.54 -6.07
CA THR A 111 26.30 -17.09 -4.79
C THR A 111 26.20 -15.56 -4.69
N GLY A 112 25.85 -14.89 -5.79
CA GLY A 112 25.62 -13.44 -5.73
C GLY A 112 24.15 -13.27 -5.36
N THR A 113 23.90 -13.52 -4.09
CA THR A 113 22.57 -13.52 -3.51
C THR A 113 22.68 -12.77 -2.20
N THR A 114 21.63 -12.26 -1.58
CA THR A 114 21.80 -11.44 -0.36
C THR A 114 22.22 -12.12 0.95
N CYS A 115 22.20 -13.47 0.96
CA CYS A 115 22.63 -14.26 2.11
C CYS A 115 23.70 -15.27 1.69
N GLY A 116 24.12 -15.25 0.42
CA GLY A 116 25.16 -16.13 -0.04
C GLY A 116 24.67 -17.52 -0.44
N SER A 117 23.38 -17.83 -0.53
CA SER A 117 22.94 -19.13 -1.02
C SER A 117 23.36 -19.29 -2.48
N TYR A 118 23.62 -20.52 -2.89
CA TYR A 118 23.97 -20.81 -4.26
C TYR A 118 22.69 -20.96 -5.08
N CYS A 119 22.66 -20.61 -6.37
CA CYS A 119 21.54 -21.04 -7.19
C CYS A 119 22.04 -21.15 -8.62
N ASN A 120 21.40 -21.94 -9.48
CA ASN A 120 21.80 -21.97 -10.86
C ASN A 120 20.50 -21.77 -11.53
N PRO A 121 20.07 -20.55 -11.90
CA PRO A 121 18.75 -20.32 -12.48
C PRO A 121 18.59 -21.02 -13.83
N GLY A 122 19.66 -21.14 -14.63
CA GLY A 122 19.61 -21.79 -15.93
C GLY A 122 19.29 -23.29 -15.82
N SER A 123 19.73 -24.00 -14.79
CA SER A 123 19.31 -25.39 -14.64
C SER A 123 18.18 -25.55 -13.65
N ARG A 124 17.59 -24.42 -13.19
CA ARG A 124 16.49 -24.34 -12.24
C ARG A 124 16.81 -25.04 -10.92
N GLU A 125 18.01 -24.77 -10.41
CA GLU A 125 18.46 -25.34 -9.17
C GLU A 125 18.52 -24.28 -8.08
N PHE A 126 17.71 -24.48 -7.04
CA PHE A 126 17.72 -23.58 -5.91
C PHE A 126 17.96 -24.45 -4.69
N PRO A 127 19.20 -24.93 -4.49
CA PRO A 127 19.54 -25.90 -3.47
C PRO A 127 19.22 -25.45 -2.07
N ALA A 128 19.05 -24.16 -1.80
CA ALA A 128 18.74 -23.71 -0.45
C ALA A 128 17.29 -23.87 -0.03
N VAL A 129 16.37 -24.13 -0.96
CA VAL A 129 14.98 -24.31 -0.61
C VAL A 129 14.67 -25.78 -0.18
N PRO A 130 14.86 -26.90 -0.94
CA PRO A 130 15.33 -26.94 -2.33
C PRO A 130 14.29 -27.02 -3.46
N TYR A 131 14.56 -26.29 -4.54
CA TYR A 131 13.74 -26.52 -5.72
C TYR A 131 14.66 -27.08 -6.80
N SER A 132 14.05 -27.82 -7.71
CA SER A 132 14.70 -28.46 -8.83
C SER A 132 13.90 -28.15 -10.09
N ALA A 133 14.41 -28.50 -11.27
CA ALA A 133 13.73 -28.26 -12.51
C ALA A 133 12.32 -28.80 -12.60
N TRP A 134 11.89 -29.82 -11.87
CA TRP A 134 10.50 -30.21 -12.02
C TRP A 134 9.57 -29.45 -11.09
N ASP A 135 10.08 -28.42 -10.37
CA ASP A 135 9.20 -27.61 -9.55
C ASP A 135 8.77 -26.34 -10.28
N PHE A 136 8.99 -26.27 -11.58
CA PHE A 136 8.71 -25.07 -12.34
C PHE A 136 7.79 -25.44 -13.49
N ASN A 137 7.18 -24.43 -14.12
CA ASN A 137 6.15 -24.64 -15.12
C ASN A 137 6.61 -24.56 -16.54
N ASP A 138 7.87 -24.87 -16.85
CA ASP A 138 8.36 -24.72 -18.21
C ASP A 138 7.58 -25.58 -19.20
N GLY A 139 7.24 -26.82 -18.83
CA GLY A 139 6.51 -27.73 -19.72
C GLY A 139 5.02 -27.44 -19.81
N LYS A 140 4.51 -26.73 -18.83
CA LYS A 140 3.10 -26.41 -18.77
C LYS A 140 2.80 -25.16 -19.62
N CYS A 141 3.79 -24.28 -19.81
CA CYS A 141 3.63 -23.11 -20.64
C CYS A 141 3.69 -23.44 -22.16
N LYS A 142 2.68 -23.01 -22.90
CA LYS A 142 2.59 -23.28 -24.32
C LYS A 142 3.06 -22.15 -25.24
N THR A 143 3.64 -21.01 -24.81
CA THR A 143 4.00 -19.98 -25.77
C THR A 143 5.38 -20.23 -26.33
N ALA A 144 5.66 -19.63 -27.49
CA ALA A 144 6.95 -19.77 -28.17
C ALA A 144 8.07 -19.17 -27.34
N SER A 145 7.81 -18.04 -26.66
CA SER A 145 8.84 -17.42 -25.87
C SER A 145 8.94 -18.03 -24.46
N GLY A 146 7.91 -18.69 -23.92
CA GLY A 146 7.95 -19.15 -22.55
C GLY A 146 7.46 -18.04 -21.63
N GLY A 147 7.15 -16.84 -22.15
CA GLY A 147 6.67 -15.73 -21.34
C GLY A 147 5.23 -15.49 -21.66
N ILE A 148 4.68 -14.50 -20.97
CA ILE A 148 3.29 -14.13 -21.15
C ILE A 148 3.29 -13.19 -22.33
N GLU A 149 2.65 -13.67 -23.37
CA GLU A 149 2.55 -12.97 -24.63
C GLU A 149 1.20 -12.29 -24.72
N SER A 150 0.15 -12.76 -24.06
CA SER A 150 -1.14 -12.12 -24.17
C SER A 150 -1.83 -12.24 -22.84
N TYR A 151 -2.39 -11.14 -22.36
CA TYR A 151 -3.15 -11.20 -21.13
C TYR A 151 -4.60 -11.59 -21.42
N ASN A 152 -4.87 -12.08 -22.64
CA ASN A 152 -6.19 -12.52 -23.02
C ASN A 152 -6.33 -14.02 -22.99
N ASP A 153 -5.36 -14.68 -22.40
CA ASP A 153 -5.38 -16.12 -22.24
C ASP A 153 -5.00 -16.35 -20.79
N PRO A 154 -5.93 -16.83 -19.94
CA PRO A 154 -5.65 -17.16 -18.54
C PRO A 154 -4.52 -18.18 -18.35
N TYR A 155 -4.36 -19.19 -19.21
CA TYR A 155 -3.31 -20.19 -19.06
C TYR A 155 -1.94 -19.62 -19.20
N GLN A 156 -1.69 -18.80 -20.22
CA GLN A 156 -0.35 -18.26 -20.27
C GLN A 156 -0.06 -17.23 -19.19
N VAL A 157 -1.03 -16.46 -18.65
CA VAL A 157 -0.56 -15.53 -17.66
C VAL A 157 -0.32 -16.26 -16.33
N ARG A 158 -0.92 -17.44 -16.08
CA ARG A 158 -0.68 -18.18 -14.85
C ARG A 158 0.42 -19.20 -14.92
N ASP A 159 0.64 -19.74 -16.10
CA ASP A 159 1.62 -20.80 -16.33
C ASP A 159 2.89 -20.42 -17.00
N CYS A 160 2.93 -19.22 -17.60
CA CYS A 160 4.16 -18.81 -18.25
C CYS A 160 4.94 -17.83 -17.38
N GLN A 161 6.15 -17.44 -17.80
CA GLN A 161 7.01 -16.58 -17.02
C GLN A 161 6.66 -15.13 -17.21
N LEU A 162 6.35 -14.49 -16.08
CA LEU A 162 6.12 -13.05 -15.99
C LEU A 162 7.51 -12.43 -16.17
N VAL A 163 7.75 -11.51 -17.11
CA VAL A 163 9.06 -10.92 -17.40
C VAL A 163 10.30 -11.78 -17.13
N GLY A 164 10.17 -13.03 -17.57
CA GLY A 164 11.24 -14.00 -17.50
C GLY A 164 11.53 -14.56 -16.11
N LEU A 165 10.62 -14.48 -15.20
CA LEU A 165 10.87 -15.01 -13.85
C LEU A 165 10.49 -16.48 -13.82
N LEU A 166 11.30 -17.36 -13.20
CA LEU A 166 11.04 -18.80 -13.16
C LEU A 166 9.72 -19.09 -12.51
N ASP A 167 8.77 -19.69 -13.24
CA ASP A 167 7.40 -19.78 -12.71
C ASP A 167 7.22 -21.08 -11.94
N LEU A 168 6.85 -20.95 -10.67
CA LEU A 168 6.69 -22.09 -9.76
C LEU A 168 5.45 -22.96 -10.05
N ALA A 169 5.58 -24.28 -9.97
CA ALA A 169 4.47 -25.18 -10.24
C ALA A 169 3.64 -25.37 -8.97
N LEU A 170 2.83 -24.36 -8.78
CA LEU A 170 2.01 -24.30 -7.59
C LEU A 170 0.85 -25.28 -7.47
N GLU A 171 0.65 -26.18 -8.42
CA GLU A 171 -0.38 -27.20 -8.28
C GLU A 171 0.22 -28.38 -7.51
N LYS A 172 1.54 -28.49 -7.43
CA LYS A 172 2.15 -29.63 -6.75
C LYS A 172 2.15 -29.38 -5.25
N ASP A 173 1.89 -30.41 -4.45
CA ASP A 173 1.90 -30.29 -3.00
C ASP A 173 3.25 -29.94 -2.42
N TYR A 174 4.30 -30.38 -3.06
CA TYR A 174 5.65 -30.08 -2.63
C TYR A 174 5.90 -28.57 -2.60
N VAL A 175 5.54 -27.87 -3.68
CA VAL A 175 5.74 -26.42 -3.80
C VAL A 175 4.79 -25.73 -2.81
N ARG A 176 3.52 -26.13 -2.82
CA ARG A 176 2.52 -25.67 -1.88
C ARG A 176 2.97 -25.74 -0.42
N SER A 177 3.56 -26.88 -0.05
CA SER A 177 3.99 -27.12 1.32
C SER A 177 5.23 -26.31 1.60
N MET A 178 6.15 -26.17 0.62
CA MET A 178 7.36 -25.37 0.82
C MET A 178 7.00 -23.89 1.08
N ILE A 179 6.00 -23.36 0.34
CA ILE A 179 5.59 -21.97 0.50
C ILE A 179 4.82 -21.80 1.80
N ALA A 180 3.92 -22.73 2.12
CA ALA A 180 3.18 -22.68 3.37
C ALA A 180 4.10 -22.69 4.58
N ASP A 181 5.18 -23.48 4.56
CA ASP A 181 6.07 -23.50 5.69
C ASP A 181 6.79 -22.18 5.88
N TYR A 182 7.13 -21.44 4.82
CA TYR A 182 7.79 -20.15 4.92
C TYR A 182 6.85 -19.13 5.58
N LEU A 183 5.61 -19.14 5.08
CA LEU A 183 4.59 -18.24 5.55
C LEU A 183 4.21 -18.55 7.00
N ASN A 184 4.14 -19.81 7.42
CA ASN A 184 3.84 -20.20 8.80
C ASN A 184 4.99 -19.84 9.70
N LYS A 185 6.23 -19.91 9.24
CA LYS A 185 7.36 -19.44 10.03
C LYS A 185 7.15 -17.93 10.31
N LEU A 186 6.66 -17.15 9.34
CA LEU A 186 6.39 -15.73 9.50
C LEU A 186 5.24 -15.44 10.47
N ILE A 187 4.14 -16.19 10.37
CA ILE A 187 2.98 -16.09 11.27
C ILE A 187 3.42 -16.39 12.70
N ASP A 188 4.28 -17.41 12.88
CA ASP A 188 4.70 -17.75 14.23
C ASP A 188 5.48 -16.61 14.83
N ILE A 189 6.42 -15.96 14.12
CA ILE A 189 7.10 -14.76 14.61
C ILE A 189 6.07 -13.66 15.01
N GLY A 190 4.89 -13.59 14.39
CA GLY A 190 3.93 -12.60 14.81
C GLY A 190 3.41 -11.73 13.66
N VAL A 191 3.68 -12.07 12.39
CA VAL A 191 3.16 -11.34 11.24
C VAL A 191 1.64 -11.55 11.24
N ALA A 192 0.91 -10.47 10.92
CA ALA A 192 -0.55 -10.47 10.85
C ALA A 192 -1.13 -10.89 9.51
N GLY A 193 -0.39 -10.92 8.41
CA GLY A 193 -0.98 -11.23 7.14
C GLY A 193 -0.01 -10.88 6.03
N PHE A 194 -0.51 -10.98 4.79
CA PHE A 194 0.35 -10.91 3.63
C PHE A 194 -0.25 -10.18 2.45
N ARG A 195 0.64 -9.45 1.78
CA ARG A 195 0.34 -8.94 0.47
C ARG A 195 0.75 -10.12 -0.41
N ILE A 196 -0.11 -10.80 -1.18
CA ILE A 196 0.33 -11.86 -2.07
C ILE A 196 0.69 -11.24 -3.43
N ASP A 197 1.99 -11.30 -3.72
CA ASP A 197 2.53 -10.73 -4.93
C ASP A 197 2.10 -11.52 -6.14
N ALA A 198 1.78 -10.73 -7.15
CA ALA A 198 1.44 -11.19 -8.48
C ALA A 198 0.39 -12.28 -8.42
N SER A 199 -0.71 -12.06 -7.66
CA SER A 199 -1.76 -13.05 -7.53
C SER A 199 -2.42 -13.42 -8.84
N LYS A 200 -2.40 -12.50 -9.81
CA LYS A 200 -2.99 -12.72 -11.10
C LYS A 200 -2.23 -13.81 -11.84
N HIS A 201 -0.95 -14.04 -11.52
CA HIS A 201 -0.13 -15.00 -12.25
C HIS A 201 -0.16 -16.42 -11.66
N MET A 202 -1.16 -16.63 -10.77
CA MET A 202 -1.38 -17.89 -10.09
C MET A 202 -2.88 -18.20 -10.17
N TRP A 203 -3.25 -19.49 -10.17
CA TRP A 203 -4.65 -19.89 -10.22
C TRP A 203 -5.26 -19.64 -8.85
N PRO A 204 -6.46 -19.07 -8.68
CA PRO A 204 -7.08 -18.84 -7.39
C PRO A 204 -7.11 -20.04 -6.47
N GLY A 205 -7.41 -21.23 -7.00
CA GLY A 205 -7.40 -22.44 -6.22
C GLY A 205 -6.02 -22.86 -5.73
N ASP A 206 -4.85 -22.55 -6.34
CA ASP A 206 -3.55 -22.93 -5.79
C ASP A 206 -3.21 -22.03 -4.63
N ILE A 207 -3.59 -20.75 -4.74
CA ILE A 207 -3.44 -19.80 -3.63
C ILE A 207 -4.25 -20.32 -2.44
N LYS A 208 -5.51 -20.68 -2.65
CA LYS A 208 -6.40 -21.25 -1.64
C LYS A 208 -5.82 -22.50 -0.96
N ALA A 209 -5.20 -23.45 -1.69
CA ALA A 209 -4.52 -24.60 -1.08
C ALA A 209 -3.36 -24.24 -0.18
N VAL A 210 -2.65 -23.15 -0.50
CA VAL A 210 -1.56 -22.66 0.35
C VAL A 210 -2.14 -22.05 1.60
N LEU A 211 -3.16 -21.20 1.44
CA LEU A 211 -3.87 -20.56 2.53
C LEU A 211 -4.50 -21.53 3.52
N ASP A 212 -5.03 -22.65 3.02
CA ASP A 212 -5.58 -23.70 3.85
C ASP A 212 -4.54 -24.35 4.72
N LYS A 213 -3.27 -24.22 4.37
CA LYS A 213 -2.21 -24.80 5.16
C LYS A 213 -1.75 -23.80 6.22
N LEU A 214 -2.23 -22.56 6.29
CA LEU A 214 -1.64 -21.63 7.21
C LEU A 214 -2.14 -21.73 8.65
N HIS A 215 -1.28 -21.41 9.62
CA HIS A 215 -1.54 -21.45 11.02
C HIS A 215 -2.42 -20.27 11.44
N ASN A 216 -3.07 -20.37 12.58
CA ASN A 216 -3.77 -19.23 13.18
C ASN A 216 -2.73 -18.28 13.70
N LEU A 217 -3.10 -17.04 13.98
CA LEU A 217 -2.13 -16.05 14.38
C LEU A 217 -1.59 -16.29 15.79
N ASN A 218 -0.42 -15.72 16.07
CA ASN A 218 0.24 -15.90 17.34
C ASN A 218 -0.58 -15.29 18.48
N THR A 219 -1.05 -16.14 19.39
CA THR A 219 -1.93 -15.69 20.48
C THR A 219 -1.28 -14.83 21.57
N ASN A 220 0.01 -14.56 21.50
CA ASN A 220 0.60 -13.55 22.38
C ASN A 220 0.05 -12.20 22.01
N TRP A 221 -0.35 -12.02 20.74
CA TRP A 221 -0.84 -10.74 20.30
C TRP A 221 -2.22 -10.85 19.71
N PHE A 222 -2.68 -12.02 19.26
CA PHE A 222 -3.93 -12.07 18.53
C PHE A 222 -4.89 -12.96 19.29
N PRO A 223 -6.20 -12.72 19.19
CA PRO A 223 -7.26 -13.55 19.75
C PRO A 223 -7.17 -14.99 19.25
N ALA A 224 -7.89 -15.83 19.98
CA ALA A 224 -7.91 -17.26 19.81
C ALA A 224 -7.81 -17.90 18.42
N GLY A 225 -8.82 -17.84 17.57
CA GLY A 225 -8.70 -18.49 16.27
C GLY A 225 -8.60 -17.41 15.22
N SER A 226 -7.57 -16.57 15.24
CA SER A 226 -7.49 -15.53 14.25
C SER A 226 -6.74 -16.08 13.04
N ARG A 227 -7.34 -15.80 11.90
CA ARG A 227 -6.85 -16.17 10.59
C ARG A 227 -5.98 -15.03 9.98
N PRO A 228 -4.85 -15.24 9.27
CA PRO A 228 -4.07 -14.14 8.64
C PRO A 228 -4.84 -13.23 7.68
N PHE A 229 -4.59 -11.93 7.66
CA PHE A 229 -5.24 -11.00 6.72
C PHE A 229 -4.56 -11.19 5.38
N ILE A 230 -5.28 -11.30 4.30
CA ILE A 230 -4.71 -11.61 3.01
C ILE A 230 -5.17 -10.54 2.02
N PHE A 231 -4.28 -9.84 1.33
CA PHE A 231 -4.72 -9.01 0.21
C PHE A 231 -3.87 -9.42 -0.98
N GLN A 232 -4.56 -9.60 -2.10
CA GLN A 232 -3.95 -10.12 -3.29
C GLN A 232 -3.71 -9.01 -4.27
N GLU A 233 -2.51 -8.99 -4.87
CA GLU A 233 -2.21 -8.02 -5.90
C GLU A 233 -2.75 -8.57 -7.24
N VAL A 234 -3.86 -8.04 -7.74
CA VAL A 234 -4.37 -8.38 -9.05
C VAL A 234 -4.69 -7.05 -9.80
N ILE A 235 -4.01 -6.71 -10.89
CA ILE A 235 -4.29 -5.51 -11.67
C ILE A 235 -5.39 -5.83 -12.67
N ASP A 236 -6.57 -5.29 -12.41
CA ASP A 236 -7.70 -5.49 -13.26
C ASP A 236 -8.41 -4.15 -13.44
N LEU A 237 -8.00 -3.49 -14.48
CA LEU A 237 -8.61 -2.24 -14.85
C LEU A 237 -9.78 -2.48 -15.81
N GLY A 238 -9.94 -3.76 -16.22
CA GLY A 238 -10.92 -4.20 -17.20
C GLY A 238 -10.19 -4.54 -18.51
N GLY A 239 -10.94 -5.05 -19.47
CA GLY A 239 -10.44 -5.35 -20.81
C GLY A 239 -9.54 -6.58 -20.94
N GLU A 240 -9.46 -7.46 -19.97
CA GLU A 240 -8.63 -8.64 -20.06
C GLU A 240 -9.47 -9.78 -19.58
N ALA A 241 -8.89 -10.97 -19.79
CA ALA A 241 -9.47 -12.25 -19.42
C ALA A 241 -9.63 -12.44 -17.93
N ILE A 242 -8.68 -12.05 -17.06
CA ILE A 242 -8.82 -12.27 -15.63
C ILE A 242 -9.50 -11.09 -14.92
N LYS A 243 -10.41 -11.39 -14.00
CA LYS A 243 -11.17 -10.42 -13.19
C LYS A 243 -10.81 -10.59 -11.72
N SER A 244 -10.94 -9.50 -10.94
CA SER A 244 -10.65 -9.48 -9.49
C SER A 244 -11.51 -10.45 -8.71
N SER A 245 -12.79 -10.52 -9.10
CA SER A 245 -13.75 -11.35 -8.46
C SER A 245 -13.34 -12.82 -8.36
N GLU A 246 -12.52 -13.33 -9.30
CA GLU A 246 -12.03 -14.70 -9.22
C GLU A 246 -11.21 -14.92 -7.94
N TYR A 247 -10.66 -13.87 -7.31
CA TYR A 247 -9.82 -14.01 -6.15
C TYR A 247 -10.55 -13.65 -4.88
N PHE A 248 -11.82 -13.31 -4.92
CA PHE A 248 -12.51 -12.90 -3.68
C PHE A 248 -12.66 -13.97 -2.61
N GLY A 249 -12.52 -15.26 -2.92
CA GLY A 249 -12.68 -16.32 -1.93
C GLY A 249 -11.48 -16.44 -1.01
N ASN A 250 -10.36 -15.91 -1.51
CA ASN A 250 -9.09 -16.03 -0.83
C ASN A 250 -8.87 -14.89 0.11
N GLY A 251 -9.50 -13.72 -0.07
CA GLY A 251 -9.24 -12.60 0.80
C GLY A 251 -9.45 -11.30 0.03
N ARG A 252 -8.85 -10.18 0.49
CA ARG A 252 -9.08 -8.90 -0.19
C ARG A 252 -8.24 -8.78 -1.46
N VAL A 253 -8.59 -7.84 -2.37
CA VAL A 253 -7.91 -7.64 -3.63
C VAL A 253 -7.57 -6.16 -3.77
N THR A 254 -6.40 -5.84 -4.31
CA THR A 254 -5.99 -4.49 -4.62
C THR A 254 -6.98 -3.88 -5.61
N GLU A 255 -7.64 -2.79 -5.33
CA GLU A 255 -8.50 -2.23 -6.36
C GLU A 255 -7.68 -1.15 -7.10
N PHE A 256 -7.07 -1.48 -8.26
CA PHE A 256 -6.26 -0.51 -9.01
C PHE A 256 -7.05 0.55 -9.81
N LYS A 257 -8.34 0.38 -10.05
CA LYS A 257 -9.24 1.40 -10.59
C LYS A 257 -9.40 2.61 -9.67
N TYR A 258 -9.29 2.44 -8.34
CA TYR A 258 -9.42 3.53 -7.38
C TYR A 258 -8.37 4.61 -7.60
N GLY A 259 -7.05 4.35 -7.60
CA GLY A 259 -6.07 5.41 -7.83
C GLY A 259 -6.04 5.92 -9.27
N ALA A 260 -6.40 5.10 -10.25
CA ALA A 260 -6.44 5.51 -11.64
C ALA A 260 -7.58 6.52 -11.82
N LYS A 261 -8.79 6.26 -11.32
CA LYS A 261 -9.89 7.20 -11.45
C LYS A 261 -9.68 8.43 -10.59
N LEU A 262 -9.26 8.30 -9.32
CA LEU A 262 -9.08 9.44 -8.43
C LEU A 262 -8.09 10.42 -9.02
N GLY A 263 -6.96 9.92 -9.52
CA GLY A 263 -5.95 10.75 -10.14
C GLY A 263 -6.53 11.59 -11.23
N THR A 264 -7.26 10.98 -12.17
CA THR A 264 -7.92 11.69 -13.26
C THR A 264 -8.90 12.74 -12.75
N VAL A 265 -9.74 12.41 -11.78
CA VAL A 265 -10.70 13.38 -11.25
C VAL A 265 -9.99 14.57 -10.63
N VAL A 266 -8.97 14.37 -9.79
CA VAL A 266 -8.26 15.44 -9.11
C VAL A 266 -7.40 16.26 -10.08
N ARG A 267 -6.82 15.64 -11.12
CA ARG A 267 -6.05 16.39 -12.10
C ARG A 267 -6.97 17.16 -13.08
N LYS A 268 -8.29 16.89 -13.01
CA LYS A 268 -9.34 17.45 -13.84
C LYS A 268 -9.05 17.16 -15.31
N TRP A 269 -8.65 15.92 -15.63
CA TRP A 269 -8.45 15.52 -17.01
C TRP A 269 -9.72 14.82 -17.52
N SER A 270 -9.89 14.75 -18.84
CA SER A 270 -11.00 14.10 -19.49
C SER A 270 -12.40 14.56 -19.09
N GLY A 271 -12.57 15.82 -18.72
CA GLY A 271 -13.85 16.34 -18.31
C GLY A 271 -14.27 15.88 -16.92
N GLU A 272 -13.41 15.21 -16.14
CA GLU A 272 -13.81 14.76 -14.81
C GLU A 272 -13.91 15.92 -13.84
N LYS A 273 -14.79 15.82 -12.84
CA LYS A 273 -15.06 16.89 -11.92
C LYS A 273 -15.24 16.24 -10.55
N MET A 274 -14.80 16.93 -9.51
CA MET A 274 -14.85 16.40 -8.17
C MET A 274 -16.28 16.19 -7.68
N SER A 275 -17.27 16.98 -8.15
CA SER A 275 -18.66 16.75 -7.84
C SER A 275 -19.16 15.37 -8.32
N TYR A 276 -18.49 14.68 -9.26
CA TYR A 276 -18.85 13.33 -9.72
C TYR A 276 -18.51 12.26 -8.70
N LEU A 277 -17.66 12.60 -7.74
CA LEU A 277 -17.30 11.72 -6.65
C LEU A 277 -18.44 11.55 -5.66
N LYS A 278 -19.66 12.10 -5.90
CA LYS A 278 -20.77 11.86 -4.99
C LYS A 278 -21.08 10.36 -4.78
N ASN A 279 -21.04 9.59 -5.88
CA ASN A 279 -21.31 8.18 -5.79
C ASN A 279 -20.10 7.25 -5.82
N TRP A 280 -18.89 7.76 -5.51
CA TRP A 280 -17.63 7.04 -5.43
C TRP A 280 -17.77 5.73 -4.67
N GLY A 281 -17.16 4.67 -5.15
CA GLY A 281 -17.24 3.37 -4.53
C GLY A 281 -17.78 2.41 -5.57
N GLU A 282 -18.78 1.60 -5.22
CA GLU A 282 -19.28 0.59 -6.16
C GLU A 282 -20.05 1.26 -7.28
N GLY A 283 -20.54 2.48 -7.02
CA GLY A 283 -21.23 3.30 -8.00
C GLY A 283 -20.32 3.62 -9.16
N TRP A 284 -19.01 3.62 -8.95
CA TRP A 284 -18.06 3.87 -10.01
C TRP A 284 -17.54 2.56 -10.66
N GLY A 285 -18.15 1.43 -10.30
CA GLY A 285 -17.77 0.14 -10.85
C GLY A 285 -16.64 -0.55 -10.08
N PHE A 286 -16.38 -0.15 -8.85
CA PHE A 286 -15.31 -0.78 -8.11
C PHE A 286 -15.86 -2.02 -7.44
N MET A 287 -14.97 -2.87 -6.97
CA MET A 287 -15.36 -4.11 -6.29
C MET A 287 -16.09 -3.82 -4.97
N PRO A 288 -16.76 -4.78 -4.29
CA PRO A 288 -17.40 -4.50 -3.00
C PRO A 288 -16.42 -3.84 -2.01
N SER A 289 -16.89 -2.89 -1.18
CA SER A 289 -16.01 -2.23 -0.24
C SER A 289 -15.32 -3.24 0.69
N ASP A 290 -16.04 -4.23 1.19
CA ASP A 290 -15.46 -5.23 2.08
C ASP A 290 -14.42 -6.15 1.43
N ARG A 291 -14.16 -6.03 0.13
CA ARG A 291 -13.20 -6.85 -0.58
C ARG A 291 -11.99 -6.06 -1.01
N ALA A 292 -12.01 -4.76 -0.84
CA ALA A 292 -11.01 -3.94 -1.46
C ALA A 292 -9.92 -3.41 -0.57
N LEU A 293 -8.69 -3.42 -1.06
CA LEU A 293 -7.63 -2.67 -0.41
C LEU A 293 -7.41 -1.48 -1.37
N VAL A 294 -7.41 -0.23 -0.88
CA VAL A 294 -7.37 0.95 -1.72
C VAL A 294 -6.17 1.83 -1.40
N PHE A 295 -5.70 2.61 -2.37
CA PHE A 295 -4.46 3.39 -2.25
C PHE A 295 -4.47 4.38 -3.41
N VAL A 296 -3.77 5.49 -3.29
CA VAL A 296 -3.63 6.44 -4.40
C VAL A 296 -2.55 5.92 -5.38
N ASP A 297 -1.37 5.54 -4.86
CA ASP A 297 -0.27 5.02 -5.68
C ASP A 297 0.37 3.86 -4.92
N ASN A 298 1.12 3.00 -5.58
CA ASN A 298 1.85 1.97 -4.89
C ASN A 298 3.29 2.07 -5.39
N HIS A 299 4.18 1.22 -4.88
CA HIS A 299 5.59 1.27 -5.29
C HIS A 299 5.81 1.07 -6.78
N ASP A 300 4.89 0.45 -7.50
CA ASP A 300 5.10 0.20 -8.91
C ASP A 300 4.70 1.42 -9.72
N ASN A 301 3.44 1.85 -9.61
CA ASN A 301 2.96 2.87 -10.51
C ASN A 301 3.36 4.28 -10.14
N GLN A 302 3.92 4.57 -8.97
CA GLN A 302 4.51 5.88 -8.72
C GLN A 302 5.77 6.09 -9.55
N ARG A 303 6.37 5.05 -10.15
CA ARG A 303 7.52 5.13 -11.03
C ARG A 303 7.20 4.48 -12.38
N GLY A 304 5.92 4.38 -12.72
CA GLY A 304 5.55 3.90 -14.04
C GLY A 304 5.65 2.40 -14.29
N HIS A 305 5.81 1.58 -13.24
CA HIS A 305 5.74 0.14 -13.43
C HIS A 305 4.27 -0.30 -13.23
N GLY A 306 3.92 -1.57 -13.49
CA GLY A 306 2.56 -2.07 -13.33
C GLY A 306 1.60 -1.41 -14.32
N ALA A 307 0.55 -0.87 -13.73
CA ALA A 307 -0.48 -0.14 -14.42
C ALA A 307 -1.01 0.97 -13.49
N GLY A 308 -1.45 2.01 -14.17
CA GLY A 308 -1.99 3.22 -13.62
C GLY A 308 -1.70 4.28 -14.67
N GLY A 309 -0.48 4.27 -15.20
CA GLY A 309 -0.16 5.22 -16.26
C GLY A 309 -0.08 6.66 -15.77
N SER A 310 -0.33 7.64 -16.63
CA SER A 310 -0.09 9.03 -16.26
C SER A 310 -0.96 9.75 -15.24
N SER A 311 -2.17 9.31 -14.90
CA SER A 311 -3.02 10.03 -13.96
C SER A 311 -2.68 9.75 -12.49
N ILE A 312 -1.91 8.70 -12.21
CA ILE A 312 -1.50 8.37 -10.85
C ILE A 312 -0.88 9.58 -10.16
N LEU A 313 -1.35 10.02 -8.99
CA LEU A 313 -0.70 11.10 -8.24
C LEU A 313 0.35 10.47 -7.31
N THR A 314 1.49 11.14 -7.12
CA THR A 314 2.56 10.69 -6.25
C THR A 314 3.03 11.89 -5.43
N PHE A 315 4.01 11.66 -4.55
CA PHE A 315 4.65 12.71 -3.76
C PHE A 315 5.25 13.77 -4.67
N TRP A 316 5.63 13.46 -5.91
CA TRP A 316 6.14 14.47 -6.82
C TRP A 316 5.11 15.56 -7.11
N ASP A 317 3.80 15.31 -6.94
CA ASP A 317 2.74 16.32 -7.14
C ASP A 317 2.12 16.53 -5.79
N ALA A 318 2.88 17.03 -4.84
CA ALA A 318 2.48 17.09 -3.44
C ALA A 318 1.12 17.69 -3.11
N ARG A 319 0.80 18.83 -3.71
CA ARG A 319 -0.44 19.49 -3.36
C ARG A 319 -1.63 18.66 -3.82
N LEU A 320 -1.65 18.21 -5.05
CA LEU A 320 -2.73 17.35 -5.54
C LEU A 320 -2.71 15.97 -4.85
N TYR A 321 -1.53 15.50 -4.47
CA TYR A 321 -1.41 14.22 -3.80
C TYR A 321 -2.09 14.28 -2.45
N LYS A 322 -1.91 15.36 -1.67
CA LYS A 322 -2.54 15.47 -0.38
C LYS A 322 -4.05 15.59 -0.50
N VAL A 323 -4.61 16.24 -1.52
CA VAL A 323 -6.07 16.26 -1.54
C VAL A 323 -6.57 14.86 -1.97
N ALA A 324 -5.87 14.08 -2.81
CA ALA A 324 -6.30 12.72 -3.19
C ALA A 324 -6.26 11.78 -1.97
N VAL A 325 -5.18 11.85 -1.18
CA VAL A 325 -5.04 11.03 0.02
C VAL A 325 -6.04 11.45 1.08
N GLY A 326 -6.33 12.76 1.25
CA GLY A 326 -7.28 13.24 2.27
C GLY A 326 -8.68 12.75 1.93
N PHE A 327 -9.04 12.76 0.65
CA PHE A 327 -10.35 12.27 0.21
C PHE A 327 -10.45 10.76 0.45
N MET A 328 -9.40 9.99 0.12
CA MET A 328 -9.39 8.55 0.29
C MET A 328 -9.54 8.17 1.76
N LEU A 329 -8.76 8.84 2.59
CA LEU A 329 -8.84 8.66 4.03
C LEU A 329 -10.15 9.14 4.67
N ALA A 330 -10.86 10.12 4.09
CA ALA A 330 -12.14 10.50 4.62
C ALA A 330 -13.28 9.64 4.05
N HIS A 331 -13.17 8.98 2.89
CA HIS A 331 -14.31 8.30 2.33
C HIS A 331 -14.45 6.88 2.92
N PRO A 332 -15.65 6.32 3.18
CA PRO A 332 -15.79 5.00 3.82
C PRO A 332 -15.35 3.74 3.08
N TYR A 333 -15.17 3.82 1.75
CA TYR A 333 -14.88 2.70 0.90
C TYR A 333 -13.48 2.09 1.06
N GLY A 334 -13.39 0.77 1.18
CA GLY A 334 -12.13 0.07 1.21
C GLY A 334 -11.36 0.13 2.54
N PHE A 335 -10.29 -0.68 2.56
CA PHE A 335 -9.33 -0.62 3.63
C PHE A 335 -8.17 0.19 3.05
N THR A 336 -7.73 1.25 3.73
CA THR A 336 -6.75 2.16 3.17
C THR A 336 -5.26 1.89 3.43
N ARG A 337 -4.47 1.91 2.35
CA ARG A 337 -3.02 1.82 2.43
C ARG A 337 -2.37 3.11 1.93
N VAL A 338 -1.53 3.68 2.79
CA VAL A 338 -0.78 4.91 2.53
C VAL A 338 0.65 4.57 2.06
N MET A 339 1.19 5.27 1.07
CA MET A 339 2.53 5.07 0.56
C MET A 339 3.61 5.87 1.34
N SER A 340 4.85 5.36 1.49
CA SER A 340 5.94 6.12 2.08
C SER A 340 7.09 5.79 1.14
N SER A 341 7.78 6.80 0.57
CA SER A 341 8.69 6.58 -0.56
C SER A 341 10.08 7.09 -0.26
N TYR A 342 10.99 6.88 -1.21
CA TYR A 342 12.27 7.55 -1.22
C TYR A 342 12.30 8.29 -2.57
N ARG A 343 13.14 9.31 -2.63
CA ARG A 343 13.28 10.15 -3.80
C ARG A 343 14.36 9.59 -4.73
N TRP A 344 14.23 9.65 -6.05
CA TRP A 344 15.26 9.20 -6.98
C TRP A 344 15.32 10.27 -8.07
N ALA A 345 16.45 10.33 -8.77
CA ALA A 345 16.58 11.30 -9.85
C ALA A 345 15.82 10.84 -11.10
N ARG A 346 14.75 11.50 -11.53
CA ARG A 346 14.00 11.06 -12.70
C ARG A 346 14.65 11.55 -13.99
N ASN A 347 14.52 10.84 -15.11
CA ASN A 347 15.18 11.22 -16.37
C ASN A 347 14.22 10.72 -17.42
N PHE A 348 13.43 11.63 -17.98
CA PHE A 348 12.43 11.23 -18.91
C PHE A 348 12.91 11.30 -20.34
N VAL A 349 12.81 10.19 -21.06
CA VAL A 349 13.07 10.19 -22.48
C VAL A 349 11.73 9.66 -23.00
N ASN A 350 11.21 10.37 -23.99
CA ASN A 350 9.94 10.05 -24.65
C ASN A 350 8.77 9.73 -23.71
N GLY A 351 8.76 10.55 -22.68
CA GLY A 351 7.71 10.48 -21.70
C GLY A 351 7.89 9.38 -20.70
N GLU A 352 9.00 8.65 -20.61
CA GLU A 352 9.14 7.63 -19.61
C GLU A 352 10.44 7.90 -18.88
N ASP A 353 10.40 7.61 -17.60
CA ASP A 353 11.54 7.80 -16.76
C ASP A 353 12.40 6.55 -16.92
N VAL A 354 13.60 6.68 -17.45
CA VAL A 354 14.51 5.57 -17.62
C VAL A 354 15.39 5.29 -16.40
N ASN A 355 15.16 6.06 -15.35
CA ASN A 355 15.78 5.90 -14.04
C ASN A 355 14.82 5.27 -13.02
N ASP A 356 13.71 4.66 -13.44
CA ASP A 356 12.75 4.04 -12.53
C ASP A 356 13.27 2.76 -11.85
N TRP A 357 14.49 2.35 -12.14
CA TRP A 357 15.14 1.21 -11.52
C TRP A 357 15.81 1.58 -10.20
N ILE A 358 16.12 2.87 -9.95
CA ILE A 358 17.02 3.25 -8.84
C ILE A 358 16.41 2.82 -7.54
N GLY A 359 17.29 2.16 -6.79
CA GLY A 359 16.96 1.57 -5.50
C GLY A 359 17.05 2.60 -4.36
N PRO A 360 16.76 2.18 -3.12
CA PRO A 360 16.74 3.02 -1.92
C PRO A 360 18.05 3.79 -1.67
N PRO A 361 18.00 4.93 -0.95
CA PRO A 361 19.19 5.63 -0.48
C PRO A 361 20.18 4.61 0.07
N ASN A 362 21.42 4.67 -0.36
CA ASN A 362 22.36 3.68 0.10
C ASN A 362 23.73 4.28 0.01
N ASN A 363 24.59 3.66 0.75
CA ASN A 363 25.96 4.09 0.70
C ASN A 363 26.68 2.87 0.19
N ASN A 364 27.03 2.92 -1.09
CA ASN A 364 27.68 1.81 -1.78
C ASN A 364 26.93 0.49 -1.62
N GLY A 365 25.60 0.49 -1.68
CA GLY A 365 24.86 -0.75 -1.56
C GLY A 365 24.24 -1.00 -0.19
N VAL A 366 24.69 -0.42 0.92
CA VAL A 366 23.95 -0.67 2.14
C VAL A 366 23.00 0.51 2.36
N ILE A 367 21.75 0.14 2.57
CA ILE A 367 20.64 1.08 2.70
C ILE A 367 20.88 2.02 3.89
N LYS A 368 20.74 3.32 3.64
CA LYS A 368 20.94 4.37 4.61
C LYS A 368 19.84 4.38 5.64
N GLU A 369 20.11 4.69 6.91
CA GLU A 369 19.07 4.79 7.91
C GLU A 369 18.14 5.99 7.73
N VAL A 370 16.92 5.90 8.26
CA VAL A 370 15.96 6.99 8.19
C VAL A 370 16.33 7.90 9.37
N THR A 371 16.77 9.12 9.08
CA THR A 371 17.07 10.09 10.10
C THR A 371 15.86 11.00 10.22
N ILE A 372 15.49 11.39 11.43
CA ILE A 372 14.36 12.25 11.65
C ILE A 372 14.90 13.62 12.00
N ASN A 373 14.43 14.62 11.28
CA ASN A 373 14.84 16.00 11.48
C ASN A 373 14.03 16.62 12.60
N ALA A 374 14.53 17.72 13.15
CA ALA A 374 13.82 18.41 14.22
C ALA A 374 12.38 18.76 13.90
N ASP A 375 12.07 18.98 12.62
CA ASP A 375 10.73 19.29 12.19
C ASP A 375 9.88 18.05 11.82
N THR A 376 10.28 16.87 12.28
CA THR A 376 9.65 15.58 12.10
C THR A 376 9.63 15.08 10.64
N THR A 377 10.39 15.70 9.74
CA THR A 377 10.49 15.16 8.38
C THR A 377 11.66 14.19 8.37
N CYS A 378 11.88 13.38 7.33
CA CYS A 378 13.03 12.47 7.33
C CYS A 378 14.16 13.03 6.48
N GLY A 379 15.35 12.50 6.76
CA GLY A 379 16.56 12.81 6.04
C GLY A 379 16.87 11.62 5.13
N ASN A 380 18.01 11.76 4.46
CA ASN A 380 18.59 10.77 3.57
C ASN A 380 17.73 10.43 2.37
N ASP A 381 17.01 11.40 1.82
CA ASP A 381 16.06 11.23 0.72
C ASP A 381 14.93 10.24 0.91
N TRP A 382 14.62 9.89 2.17
CA TRP A 382 13.40 9.14 2.47
C TRP A 382 12.31 10.22 2.48
N VAL A 383 11.21 10.21 1.69
CA VAL A 383 10.33 11.39 1.77
C VAL A 383 9.27 11.30 2.86
N CYS A 384 9.01 10.12 3.46
CA CYS A 384 8.15 9.98 4.65
C CYS A 384 6.84 10.73 4.60
N GLU A 385 6.03 10.43 3.58
CA GLU A 385 4.74 11.07 3.35
C GLU A 385 3.83 10.76 4.52
N HIS A 386 4.02 9.58 5.13
CA HIS A 386 3.22 9.21 6.30
C HIS A 386 3.44 10.15 7.50
N ARG A 387 4.56 10.92 7.47
CA ARG A 387 4.86 11.93 8.46
C ARG A 387 4.37 13.31 8.04
N TRP A 388 3.82 13.57 6.85
CA TRP A 388 3.36 14.89 6.47
C TRP A 388 2.11 15.13 7.30
N ARG A 389 2.00 16.32 7.92
CA ARG A 389 0.88 16.62 8.82
C ARG A 389 -0.51 16.32 8.25
N GLU A 390 -0.72 16.69 7.01
CA GLU A 390 -2.01 16.55 6.34
C GLU A 390 -2.36 15.06 6.18
N ILE A 391 -1.36 14.22 5.85
CA ILE A 391 -1.60 12.78 5.74
C ILE A 391 -1.72 12.15 7.13
N ARG A 392 -0.76 12.37 8.03
CA ARG A 392 -0.81 11.99 9.44
C ARG A 392 -2.16 12.24 10.10
N ASN A 393 -2.68 13.48 9.96
CA ASN A 393 -3.92 13.87 10.63
C ASN A 393 -5.15 13.28 10.00
N MET A 394 -5.10 12.95 8.70
CA MET A 394 -6.20 12.25 8.06
C MET A 394 -6.19 10.75 8.37
N VAL A 395 -5.08 10.12 8.78
CA VAL A 395 -5.22 8.72 9.16
C VAL A 395 -5.87 8.78 10.54
N TRP A 396 -5.59 9.80 11.38
CA TRP A 396 -6.30 9.95 12.64
C TRP A 396 -7.80 10.21 12.43
N PHE A 397 -8.22 11.15 11.58
CA PHE A 397 -9.62 11.38 11.27
C PHE A 397 -10.30 10.04 10.90
N ARG A 398 -9.68 9.16 10.06
CA ARG A 398 -10.34 7.89 9.70
C ARG A 398 -10.60 6.97 10.91
N ASN A 399 -9.76 7.02 11.94
CA ASN A 399 -9.96 6.23 13.13
C ASN A 399 -11.11 6.82 13.92
N VAL A 400 -11.21 8.15 14.02
CA VAL A 400 -12.27 8.84 14.75
C VAL A 400 -13.64 8.56 14.08
N VAL A 401 -13.71 8.52 12.75
CA VAL A 401 -15.01 8.33 12.10
C VAL A 401 -15.35 6.92 11.67
N ASP A 402 -14.53 5.92 12.01
CA ASP A 402 -14.73 4.54 11.64
C ASP A 402 -16.12 4.02 11.95
N GLY A 403 -16.85 3.48 10.98
CA GLY A 403 -18.19 2.95 11.19
C GLY A 403 -19.27 4.01 11.03
N GLU A 404 -18.92 5.26 10.66
CA GLU A 404 -19.91 6.29 10.55
C GLU A 404 -20.35 6.42 9.13
N PRO A 405 -21.64 6.68 8.87
CA PRO A 405 -22.13 6.79 7.53
C PRO A 405 -21.68 8.07 6.86
N PHE A 406 -21.49 7.94 5.55
CA PHE A 406 -21.31 9.06 4.67
C PHE A 406 -22.58 9.94 4.85
N ALA A 407 -22.43 11.22 5.16
CA ALA A 407 -23.59 12.06 5.31
C ALA A 407 -23.24 13.44 4.75
N ASN A 408 -24.30 14.21 4.49
CA ASN A 408 -24.24 15.66 4.25
C ASN A 408 -23.31 16.13 3.17
N TRP A 409 -23.41 15.45 2.03
CA TRP A 409 -22.70 15.77 0.81
C TRP A 409 -23.15 17.14 0.27
N TRP A 410 -22.26 17.91 -0.34
CA TRP A 410 -22.55 19.18 -0.99
C TRP A 410 -21.48 19.27 -2.08
N ASP A 411 -21.84 19.92 -3.18
CA ASP A 411 -20.88 20.26 -4.20
C ASP A 411 -21.36 21.54 -4.85
N ASN A 412 -20.49 22.25 -5.56
CA ASN A 412 -20.85 23.51 -6.23
C ASN A 412 -21.15 23.31 -7.72
N GLY A 413 -21.38 22.03 -8.12
CA GLY A 413 -21.60 21.66 -9.51
C GLY A 413 -20.29 21.47 -10.25
N SER A 414 -19.14 21.87 -9.68
CA SER A 414 -17.90 21.75 -10.41
C SER A 414 -16.89 20.99 -9.55
N ASN A 415 -15.90 21.64 -8.92
CA ASN A 415 -14.87 20.97 -8.19
C ASN A 415 -14.74 21.37 -6.74
N GLN A 416 -15.80 21.85 -6.12
CA GLN A 416 -15.81 22.11 -4.70
C GLN A 416 -16.83 21.10 -4.22
N VAL A 417 -16.52 20.40 -3.13
CA VAL A 417 -17.20 19.18 -2.72
C VAL A 417 -17.10 19.17 -1.18
N ALA A 418 -18.04 18.65 -0.39
CA ALA A 418 -17.91 18.51 1.05
C ALA A 418 -18.77 17.35 1.50
N PHE A 419 -18.41 16.70 2.60
CA PHE A 419 -19.21 15.61 3.17
C PHE A 419 -18.65 15.30 4.53
N GLY A 420 -19.53 14.70 5.32
CA GLY A 420 -19.24 14.31 6.67
C GLY A 420 -19.36 12.80 6.87
N ARG A 421 -19.11 12.41 8.10
CA ARG A 421 -19.13 11.00 8.44
C ARG A 421 -19.83 10.98 9.77
N GLY A 422 -21.15 10.70 9.75
CA GLY A 422 -21.97 10.70 10.96
C GLY A 422 -21.94 12.07 11.61
N ASN A 423 -22.00 12.15 12.94
CA ASN A 423 -21.87 13.44 13.61
C ASN A 423 -20.43 13.56 14.14
N ARG A 424 -19.44 12.96 13.44
CA ARG A 424 -18.06 12.93 13.96
C ARG A 424 -16.91 13.56 13.16
N GLY A 425 -17.05 13.87 11.88
CA GLY A 425 -16.00 14.48 11.07
C GLY A 425 -16.61 15.12 9.83
N PHE A 426 -15.95 16.10 9.23
CA PHE A 426 -16.47 16.75 8.05
C PHE A 426 -15.25 17.29 7.37
N ILE A 427 -15.25 17.19 6.04
CA ILE A 427 -14.13 17.62 5.21
C ILE A 427 -14.73 18.40 4.06
N VAL A 428 -14.09 19.48 3.62
CA VAL A 428 -14.56 20.31 2.49
C VAL A 428 -13.35 20.59 1.62
N PHE A 429 -13.50 20.45 0.31
CA PHE A 429 -12.43 20.57 -0.68
C PHE A 429 -12.71 21.64 -1.72
N ASN A 430 -11.72 22.45 -2.11
CA ASN A 430 -11.90 23.38 -3.21
C ASN A 430 -10.85 23.10 -4.28
N ASN A 431 -11.21 22.36 -5.34
CA ASN A 431 -10.30 22.13 -6.45
C ASN A 431 -10.71 22.94 -7.68
N ASP A 432 -11.50 23.99 -7.45
CA ASP A 432 -11.78 24.96 -8.49
C ASP A 432 -10.70 26.04 -8.54
N ASP A 433 -10.68 26.83 -9.61
CA ASP A 433 -9.68 27.88 -9.74
C ASP A 433 -10.17 29.26 -9.36
N TRP A 434 -11.22 29.28 -8.54
CA TRP A 434 -11.78 30.47 -7.93
C TRP A 434 -12.02 30.07 -6.47
N GLN A 435 -12.62 30.87 -5.59
CA GLN A 435 -12.71 30.50 -4.19
C GLN A 435 -14.01 29.84 -3.75
N LEU A 436 -14.02 29.36 -2.49
CA LEU A 436 -15.15 28.74 -1.85
C LEU A 436 -15.62 29.60 -0.66
N SER A 437 -16.90 29.97 -0.62
CA SER A 437 -17.46 30.67 0.50
C SER A 437 -18.88 30.15 0.69
N SER A 438 -19.05 29.15 1.53
CA SER A 438 -20.40 28.62 1.73
C SER A 438 -20.59 28.33 3.18
N THR A 439 -21.83 28.35 3.61
CA THR A 439 -22.16 27.96 4.95
C THR A 439 -22.66 26.55 4.68
N LEU A 440 -22.09 25.54 5.32
CA LEU A 440 -22.39 24.15 5.01
C LEU A 440 -22.97 23.46 6.22
N GLN A 441 -23.87 22.50 6.07
CA GLN A 441 -24.37 21.73 7.19
C GLN A 441 -23.32 20.63 7.41
N THR A 442 -22.66 20.65 8.57
CA THR A 442 -21.55 19.72 8.91
C THR A 442 -21.98 18.42 9.61
N GLY A 443 -23.12 18.48 10.30
CA GLY A 443 -23.62 17.40 11.12
C GLY A 443 -22.93 17.32 12.49
N LEU A 444 -22.06 18.26 12.92
CA LEU A 444 -21.31 18.13 14.18
C LEU A 444 -21.95 18.99 15.25
N PRO A 445 -21.83 18.71 16.58
CA PRO A 445 -22.23 19.63 17.64
C PRO A 445 -21.57 20.98 17.40
N GLY A 446 -22.23 22.06 17.84
CA GLY A 446 -21.67 23.40 17.73
C GLY A 446 -20.42 23.51 18.59
N GLY A 447 -19.48 24.36 18.16
CA GLY A 447 -18.25 24.56 18.90
C GLY A 447 -17.14 24.98 17.97
N THR A 448 -15.99 25.27 18.52
CA THR A 448 -14.86 25.67 17.73
C THR A 448 -14.01 24.41 17.55
N TYR A 449 -13.72 24.08 16.29
CA TYR A 449 -12.92 22.93 15.92
C TYR A 449 -11.65 23.42 15.23
N CYS A 450 -10.56 22.75 15.51
CA CYS A 450 -9.31 23.00 14.84
C CYS A 450 -9.32 22.26 13.51
N ASP A 451 -8.91 22.93 12.44
CA ASP A 451 -8.71 22.26 11.18
C ASP A 451 -7.37 21.49 11.27
N VAL A 452 -7.43 20.19 10.99
CA VAL A 452 -6.28 19.31 11.14
C VAL A 452 -5.41 19.25 9.87
N ILE A 453 -5.73 20.03 8.83
CA ILE A 453 -4.90 20.02 7.61
C ILE A 453 -3.88 21.13 7.76
N SER A 454 -4.28 22.30 8.26
CA SER A 454 -3.37 23.39 8.41
C SER A 454 -2.77 23.38 9.80
N GLY A 455 -3.27 22.55 10.72
CA GLY A 455 -2.75 22.58 12.05
C GLY A 455 -3.17 21.39 12.91
N ASP A 456 -3.06 21.66 14.19
CA ASP A 456 -3.30 20.67 15.22
C ASP A 456 -4.02 21.32 16.38
N LYS A 457 -4.70 20.53 17.19
CA LYS A 457 -5.26 21.03 18.42
C LYS A 457 -4.16 20.86 19.46
N VAL A 458 -3.68 21.92 20.08
CA VAL A 458 -2.69 21.81 21.14
C VAL A 458 -3.31 22.47 22.37
N GLY A 459 -3.62 21.61 23.34
CA GLY A 459 -4.27 21.99 24.58
C GLY A 459 -5.63 22.58 24.24
N ASN A 460 -5.85 23.83 24.63
CA ASN A 460 -7.12 24.47 24.38
C ASN A 460 -6.98 25.50 23.26
N SER A 461 -6.17 25.19 22.24
CA SER A 461 -6.01 26.07 21.09
C SER A 461 -5.68 25.29 19.81
N CYS A 462 -5.68 25.96 18.66
CA CYS A 462 -5.32 25.36 17.39
C CYS A 462 -4.06 26.05 16.88
N THR A 463 -3.17 25.34 16.18
CA THR A 463 -2.07 25.98 15.52
C THR A 463 -2.48 26.49 14.13
N GLY A 464 -3.60 26.07 13.54
CA GLY A 464 -3.99 26.53 12.22
C GLY A 464 -5.34 27.23 12.24
N ILE A 465 -6.18 26.93 11.24
CA ILE A 465 -7.50 27.54 11.07
C ILE A 465 -8.41 27.00 12.15
N LYS A 466 -9.34 27.85 12.62
CA LYS A 466 -10.34 27.49 13.61
C LYS A 466 -11.68 27.60 12.91
N VAL A 467 -12.54 26.59 12.96
CA VAL A 467 -13.85 26.60 12.34
C VAL A 467 -14.85 26.69 13.50
N TYR A 468 -15.81 27.60 13.44
CA TYR A 468 -16.83 27.67 14.47
C TYR A 468 -18.05 26.95 13.88
N VAL A 469 -18.67 25.95 14.48
CA VAL A 469 -19.94 25.51 13.93
C VAL A 469 -20.96 25.97 14.97
N SER A 470 -22.06 26.48 14.42
CA SER A 470 -23.12 27.04 15.25
C SER A 470 -24.01 25.93 15.80
N SER A 471 -24.99 26.28 16.62
CA SER A 471 -25.85 25.33 17.32
C SER A 471 -26.67 24.39 16.46
N ASP A 472 -26.89 24.74 15.20
CA ASP A 472 -27.62 23.87 14.30
C ASP A 472 -26.72 23.04 13.35
N GLY A 473 -25.39 23.09 13.50
CA GLY A 473 -24.51 22.31 12.68
C GLY A 473 -23.94 23.04 11.49
N THR A 474 -24.35 24.25 11.14
CA THR A 474 -23.77 24.86 9.96
C THR A 474 -22.52 25.61 10.33
N ALA A 475 -21.62 25.82 9.38
CA ALA A 475 -20.41 26.55 9.62
C ALA A 475 -20.09 27.21 8.30
N GLN A 476 -19.53 28.43 8.32
CA GLN A 476 -19.14 29.09 7.08
C GLN A 476 -17.71 28.70 6.82
N PHE A 477 -17.39 28.35 5.59
CA PHE A 477 -16.06 27.95 5.22
C PHE A 477 -15.63 28.91 4.13
N SER A 478 -14.37 29.36 4.18
CA SER A 478 -13.83 30.16 3.09
C SER A 478 -12.51 29.51 2.71
N ILE A 479 -12.27 29.12 1.46
CA ILE A 479 -11.01 28.48 1.09
C ILE A 479 -10.66 29.10 -0.25
N SER A 480 -9.47 29.68 -0.30
CA SER A 480 -8.94 30.28 -1.48
C SER A 480 -8.41 29.18 -2.39
N ASN A 481 -8.45 29.39 -3.70
CA ASN A 481 -7.89 28.41 -4.61
C ASN A 481 -6.36 28.47 -4.61
N SER A 482 -5.81 29.52 -4.01
CA SER A 482 -4.37 29.67 -3.93
C SER A 482 -3.80 29.11 -2.62
N ALA A 483 -4.69 28.66 -1.71
CA ALA A 483 -4.27 28.07 -0.45
C ALA A 483 -3.25 26.94 -0.64
N GLU A 484 -2.42 26.85 0.38
CA GLU A 484 -1.41 25.83 0.50
C GLU A 484 -1.98 24.42 0.30
N ASP A 485 -3.03 24.13 1.04
CA ASP A 485 -3.75 22.90 1.03
C ASP A 485 -5.16 23.41 0.96
N PRO A 486 -5.77 23.24 -0.20
CA PRO A 486 -7.12 23.71 -0.46
C PRO A 486 -8.26 22.92 0.19
N PHE A 487 -8.18 22.43 1.44
CA PHE A 487 -9.28 21.64 1.98
C PHE A 487 -9.15 21.66 3.47
N ILE A 488 -10.24 21.49 4.17
CA ILE A 488 -10.27 21.62 5.62
C ILE A 488 -10.96 20.35 6.12
N ALA A 489 -10.54 19.83 7.28
CA ALA A 489 -11.13 18.64 7.86
C ALA A 489 -11.18 18.87 9.36
N ILE A 490 -12.31 18.65 10.02
CA ILE A 490 -12.47 18.84 11.46
C ILE A 490 -13.19 17.56 11.94
N HIS A 491 -13.01 17.15 13.20
CA HIS A 491 -13.65 15.94 13.69
C HIS A 491 -13.83 16.06 15.19
N ALA A 492 -14.62 15.15 15.79
CA ALA A 492 -14.95 15.18 17.19
C ALA A 492 -13.75 15.37 18.11
N GLU A 493 -12.62 14.77 17.81
CA GLU A 493 -11.47 15.00 18.66
C GLU A 493 -10.64 16.27 18.35
N SER A 494 -11.01 17.18 17.43
CA SER A 494 -10.24 18.41 17.26
C SER A 494 -11.09 19.59 17.75
N LYS A 495 -12.22 19.31 18.39
CA LYS A 495 -13.05 20.26 19.06
C LYS A 495 -12.31 20.76 20.30
N LEU A 496 -12.36 22.08 20.44
CA LEU A 496 -11.88 22.79 21.64
C LEU A 496 -12.93 22.65 22.76
C1 GLC B . 9.16 -6.06 -10.41
C2 GLC B . 9.42 -5.07 -11.58
C3 GLC B . 9.85 -5.77 -12.87
C4 GLC B . 11.03 -6.64 -12.52
C5 GLC B . 10.56 -7.67 -11.48
C6 GLC B . 11.58 -8.74 -11.13
O2 GLC B . 8.21 -4.40 -11.83
O3 GLC B . 10.19 -4.78 -13.83
O4 GLC B . 11.52 -7.23 -13.68
O5 GLC B . 10.22 -6.97 -10.27
O6 GLC B . 12.80 -8.18 -10.68
C1 GLC B . 12.93 -7.08 -13.70
C2 GLC B . 13.30 -6.31 -14.93
C3 GLC B . 12.93 -7.07 -16.16
C4 GLC B . 13.56 -8.46 -16.08
C5 GLC B . 13.21 -9.13 -14.74
C6 GLC B . 14.03 -10.40 -14.61
O2 GLC B . 12.64 -5.07 -14.96
O3 GLC B . 13.33 -6.39 -17.35
O4 GLC B . 13.06 -9.19 -17.17
O5 GLC B . 13.55 -8.30 -13.66
O6 GLC B . 13.16 -11.44 -14.23
C2 BGC C . -1.17 -5.83 -16.78
C3 BGC C . -0.60 -6.03 -15.43
C4 BGC C . 0.88 -6.03 -15.61
C5 BGC C . 1.41 -4.73 -16.26
C6 BGC C . 2.91 -4.81 -16.58
C1 BGC C . -0.68 -4.49 -17.27
O1 BGC C . -1.29 -4.15 -18.47
O2 BGC C . -2.59 -5.88 -16.75
O3 BGC C . -1.12 -7.25 -14.91
O4 BGC C . 1.35 -6.12 -14.29
O5 BGC C . 0.72 -4.54 -17.48
O6 BGC C . 3.15 -5.77 -17.60
C1 DAF C . 2.49 -6.97 -14.13
C2 DAF C . 2.14 -8.04 -13.08
O2 DAF C . 0.81 -8.55 -13.28
C3 DAF C . 2.18 -7.51 -11.65
O3 DAF C . 2.00 -8.60 -10.78
C4 DAF C . 3.52 -6.78 -11.42
N4 DAF C . 3.63 -6.21 -10.06
C5 DAF C . 3.63 -5.66 -12.45
O5 DAF C . 3.66 -6.23 -13.76
C6 DAF C . 4.89 -4.88 -12.26
C1H DAF C . 4.23 -7.10 -9.06
C2H DAF C . 5.19 -6.30 -8.13
O2H DAF C . 4.57 -5.23 -7.49
C3H DAF C . 6.36 -5.79 -8.94
O3H DAF C . 7.10 -4.88 -8.15
C4H DAF C . 7.23 -6.99 -9.39
O4H DAF C . 7.93 -6.71 -10.61
C5H DAF C . 6.40 -8.26 -9.62
C6H DAF C . 5.04 -8.29 -9.62
C7H DAF C . 7.14 -9.57 -9.82
O7H DAF C . 7.35 -10.13 -8.51
CL CL D . 0.21 -3.76 -4.58
CA CA E . 2.47 -18.51 -12.32
#